data_1ZTV
#
_entry.id   1ZTV
#
_cell.length_a   91.819
_cell.length_b   92.358
_cell.length_c   119.347
_cell.angle_alpha   90.000
_cell.angle_beta   90.000
_cell.angle_gamma   90.000
#
_symmetry.space_group_name_H-M   'P 21 21 21'
#
loop_
_entity.id
_entity.type
_entity.pdbx_description
1 polymer 'hypothetical protein'
2 non-polymer 'CHLORIDE ION'
3 water water
#
_entity_poly.entity_id   1
_entity_poly.type   'polypeptide(L)'
_entity_poly.pdbx_seq_one_letter_code
;MGSDKIHHHHHHMIRLGLTSFSEHDYLTGKKRSTLYEYASHLPLVEMDTAYYGIPPKERVAEWVKAVPENFRFVMKVYSG
ISCQGEWQTYYASEEEMITAFLESMAPLIESKKLFAFLVQFSGTFGCTKENVAYLQKIRHWFKDLPIAIELRNNSWYQPN
FVKQMLQFMKENQFSLVIVDEPQIPTNPVPFYPYVTNPNLVLFRFHGRNAAGWLANDAEWRKKRTLYHYNTQEIADLSEA
VLKMSQEAKEVGVIFNNNSGGDAAENALQMQKVLNLSYDDLNPKQLDLF
;
_entity_poly.pdbx_strand_id   A,B
#
# COMPACT_ATOMS: atom_id res chain seq x y z
N HIS A 9 -34.22 10.77 26.61
CA HIS A 9 -33.65 12.08 26.15
C HIS A 9 -32.17 11.93 25.76
N HIS A 10 -31.88 12.14 24.48
CA HIS A 10 -30.50 12.01 23.98
C HIS A 10 -29.77 13.36 23.96
N HIS A 11 -28.59 13.38 24.59
CA HIS A 11 -27.73 14.59 24.63
C HIS A 11 -26.63 14.49 23.58
N HIS A 12 -26.26 15.61 22.95
CA HIS A 12 -25.15 15.57 22.00
C HIS A 12 -23.89 15.14 22.73
N MET A 13 -23.05 14.37 22.05
CA MET A 13 -22.06 13.55 22.70
C MET A 13 -20.71 13.59 21.98
N ILE A 14 -19.62 13.48 22.75
CA ILE A 14 -18.26 13.54 22.20
C ILE A 14 -17.54 12.21 22.38
N ARG A 15 -16.76 11.82 21.37
CA ARG A 15 -16.00 10.58 21.41
C ARG A 15 -14.55 10.80 20.96
N LEU A 16 -13.60 10.44 21.81
CA LEU A 16 -12.18 10.52 21.47
C LEU A 16 -11.67 9.11 21.13
N GLY A 17 -10.93 8.99 20.02
CA GLY A 17 -10.47 7.69 19.54
C GLY A 17 -9.09 7.71 18.93
N LEU A 18 -8.61 6.54 18.51
CA LEU A 18 -7.30 6.40 17.89
C LEU A 18 -7.40 5.55 16.62
N THR A 19 -6.33 5.53 15.84
CA THR A 19 -6.26 4.69 14.64
C THR A 19 -5.65 3.33 15.01
N SER A 20 -6.38 2.25 14.66
CA SER A 20 -6.02 0.87 15.08
C SER A 20 -6.07 0.73 16.59
N PHE A 21 -6.25 -0.49 17.07
CA PHE A 21 -6.48 -0.74 18.50
C PHE A 21 -5.36 -1.51 19.19
N SER A 22 -4.53 -2.18 18.41
CA SER A 22 -3.54 -3.10 18.97
C SER A 22 -2.28 -2.41 19.50
N GLU A 23 -1.70 -1.50 18.72
CA GLU A 23 -0.38 -0.94 19.04
C GLU A 23 -0.39 0.16 20.13
N HIS A 24 -1.54 0.41 20.74
CA HIS A 24 -1.64 1.45 21.77
C HIS A 24 -1.41 0.87 23.16
N ASP A 25 -0.16 0.50 23.42
CA ASP A 25 0.23 -0.13 24.67
C ASP A 25 0.13 0.82 25.84
N TYR A 26 -0.08 2.11 25.58
CA TYR A 26 -0.21 3.07 26.65
C TYR A 26 -1.49 2.84 27.42
N LEU A 27 -2.63 2.91 26.74
CA LEU A 27 -3.94 2.85 27.44
C LEU A 27 -4.38 1.42 27.77
N THR A 28 -3.56 0.43 27.40
CA THR A 28 -3.85 -0.97 27.75
C THR A 28 -2.79 -1.54 28.68
N GLY A 29 -1.53 -1.27 28.36
CA GLY A 29 -0.41 -1.82 29.10
C GLY A 29 0.29 -2.91 28.31
N LYS A 30 -0.49 -3.71 27.57
CA LYS A 30 0.05 -4.80 26.77
C LYS A 30 0.57 -4.29 25.41
N LYS A 31 1.67 -4.90 24.93
CA LYS A 31 2.27 -4.52 23.63
C LYS A 31 1.23 -4.65 22.50
N ARG A 32 0.65 -5.85 22.37
CA ARG A 32 -0.50 -6.05 21.48
C ARG A 32 -1.77 -6.09 22.33
N SER A 33 -2.73 -5.26 21.97
CA SER A 33 -3.99 -5.18 22.69
C SER A 33 -5.12 -5.68 21.79
N THR A 34 -6.15 -6.26 22.38
CA THR A 34 -7.31 -6.69 21.62
C THR A 34 -8.27 -5.52 21.46
N LEU A 35 -9.24 -5.68 20.56
CA LEU A 35 -10.26 -4.66 20.34
C LEU A 35 -11.16 -4.55 21.56
N TYR A 36 -11.37 -5.68 22.24
CA TYR A 36 -12.14 -5.69 23.46
C TYR A 36 -11.44 -4.87 24.53
N GLU A 37 -10.15 -5.15 24.72
CA GLU A 37 -9.33 -4.42 25.69
C GLU A 37 -9.34 -2.92 25.37
N TYR A 38 -9.23 -2.59 24.10
CA TYR A 38 -9.26 -1.20 23.67
C TYR A 38 -10.59 -0.56 24.03
N ALA A 39 -11.68 -1.29 23.77
CA ALA A 39 -13.03 -0.76 23.94
C ALA A 39 -13.49 -0.77 25.40
N SER A 40 -12.57 -1.08 26.32
CA SER A 40 -12.85 -0.87 27.74
C SER A 40 -12.21 0.43 28.20
N HIS A 41 -11.63 1.18 27.26
CA HIS A 41 -10.93 2.45 27.57
C HIS A 41 -11.50 3.66 26.81
N LEU A 42 -11.73 3.49 25.50
CA LEU A 42 -12.29 4.58 24.67
C LEU A 42 -13.57 4.12 23.95
N PRO A 43 -14.44 5.09 23.56
CA PRO A 43 -15.71 4.77 22.93
C PRO A 43 -15.66 4.80 21.42
N LEU A 44 -14.49 5.12 20.86
CA LEU A 44 -14.37 5.34 19.43
C LEU A 44 -13.03 4.83 18.92
N VAL A 45 -13.00 4.41 17.65
CA VAL A 45 -11.77 3.97 17.01
C VAL A 45 -11.89 4.12 15.50
N GLU A 46 -10.76 4.41 14.87
CA GLU A 46 -10.68 4.39 13.41
C GLU A 46 -9.98 3.12 13.02
N MET A 47 -10.44 2.50 11.94
CA MET A 47 -9.80 1.30 11.42
C MET A 47 -9.54 1.48 9.96
N ASP A 48 -8.30 1.24 9.56
CA ASP A 48 -7.89 1.43 8.17
C ASP A 48 -7.72 0.08 7.44
N THR A 49 -8.26 -0.98 8.03
CA THR A 49 -8.15 -2.32 7.45
C THR A 49 -8.66 -2.37 6.01
N ALA A 50 -9.86 -1.84 5.80
CA ALA A 50 -10.53 -1.92 4.51
C ALA A 50 -9.79 -1.15 3.43
N TYR A 51 -9.05 -0.12 3.84
CA TYR A 51 -8.31 0.71 2.90
C TYR A 51 -7.35 -0.12 2.04
N TYR A 52 -6.68 -1.09 2.66
CA TYR A 52 -5.68 -1.92 1.98
C TYR A 52 -6.30 -3.12 1.28
N GLY A 53 -7.52 -3.45 1.68
CA GLY A 53 -8.24 -4.55 1.07
C GLY A 53 -9.54 -4.78 1.80
N ILE A 54 -10.62 -4.92 1.05
CA ILE A 54 -11.93 -5.10 1.65
C ILE A 54 -11.99 -6.43 2.42
N PRO A 55 -12.26 -6.37 3.74
CA PRO A 55 -12.28 -7.58 4.57
C PRO A 55 -13.56 -8.38 4.38
N PRO A 56 -13.57 -9.65 4.85
CA PRO A 56 -14.77 -10.46 4.79
C PRO A 56 -15.85 -9.99 5.74
N LYS A 57 -17.10 -10.16 5.33
CA LYS A 57 -18.26 -9.85 6.17
C LYS A 57 -18.08 -10.43 7.58
N GLU A 58 -17.50 -11.62 7.65
CA GLU A 58 -17.34 -12.35 8.90
C GLU A 58 -16.46 -11.61 9.90
N ARG A 59 -15.34 -11.07 9.44
CA ARG A 59 -14.39 -10.40 10.36
C ARG A 59 -14.94 -9.07 10.84
N VAL A 60 -15.71 -8.40 9.98
CA VAL A 60 -16.35 -7.15 10.35
C VAL A 60 -17.37 -7.41 11.47
N ALA A 61 -18.10 -8.50 11.36
CA ALA A 61 -19.07 -8.88 12.38
C ALA A 61 -18.37 -9.15 13.71
N GLU A 62 -17.21 -9.80 13.66
CA GLU A 62 -16.40 -10.06 14.86
C GLU A 62 -16.09 -8.74 15.61
N TRP A 63 -15.72 -7.70 14.85
CA TRP A 63 -15.41 -6.41 15.43
C TRP A 63 -16.60 -5.90 16.19
N VAL A 64 -17.75 -5.90 15.52
CA VAL A 64 -19.01 -5.42 16.13
C VAL A 64 -19.31 -6.17 17.42
N LYS A 65 -19.06 -7.47 17.42
CA LYS A 65 -19.41 -8.33 18.55
C LYS A 65 -18.45 -8.12 19.75
N ALA A 66 -17.28 -7.54 19.48
CA ALA A 66 -16.23 -7.40 20.49
C ALA A 66 -16.26 -6.04 21.23
N VAL A 67 -17.27 -5.22 20.94
CA VAL A 67 -17.35 -3.87 21.53
C VAL A 67 -18.74 -3.60 22.15
N PRO A 68 -18.84 -2.56 23.01
CA PRO A 68 -20.07 -2.19 23.66
C PRO A 68 -21.18 -1.74 22.70
N GLU A 69 -22.33 -1.41 23.28
CA GLU A 69 -23.49 -0.96 22.52
C GLU A 69 -23.27 0.45 21.98
N ASN A 70 -22.64 1.31 22.79
CA ASN A 70 -22.42 2.72 22.40
C ASN A 70 -20.99 2.99 21.89
N PHE A 71 -20.34 1.95 21.35
CA PHE A 71 -19.02 2.10 20.74
C PHE A 71 -19.19 2.43 19.27
N ARG A 72 -18.33 3.28 18.76
CA ARG A 72 -18.43 3.72 17.38
C ARG A 72 -17.16 3.45 16.58
N PHE A 73 -17.35 3.17 15.29
CA PHE A 73 -16.25 2.89 14.39
C PHE A 73 -16.16 3.96 13.32
N VAL A 74 -14.95 4.45 13.06
CA VAL A 74 -14.68 5.25 11.88
C VAL A 74 -13.97 4.33 10.90
N MET A 75 -14.67 3.95 9.84
CA MET A 75 -14.17 2.93 8.93
C MET A 75 -13.63 3.52 7.61
N LYS A 76 -12.31 3.56 7.48
CA LYS A 76 -11.68 4.11 6.30
C LYS A 76 -11.95 3.24 5.07
N VAL A 77 -12.53 3.84 4.03
CA VAL A 77 -12.96 3.08 2.84
C VAL A 77 -11.79 2.54 2.04
N TYR A 78 -12.09 1.51 1.22
CA TYR A 78 -11.08 0.89 0.34
C TYR A 78 -10.36 1.95 -0.50
N SER A 79 -9.05 1.76 -0.66
CA SER A 79 -8.20 2.72 -1.41
C SER A 79 -8.68 2.93 -2.83
N GLY A 80 -9.28 1.87 -3.40
CA GLY A 80 -9.86 1.95 -4.73
C GLY A 80 -10.98 2.99 -4.83
N ILE A 81 -11.66 3.26 -3.71
CA ILE A 81 -12.74 4.25 -3.67
C ILE A 81 -12.21 5.68 -3.52
N SER A 82 -11.19 5.85 -2.68
CA SER A 82 -10.58 7.17 -2.48
C SER A 82 -9.51 7.46 -3.59
N CYS A 83 -9.31 6.48 -4.48
CA CYS A 83 -8.55 6.67 -5.73
C CYS A 83 -7.03 6.53 -5.62
N GLN A 84 -6.53 6.24 -4.42
CA GLN A 84 -5.11 5.90 -4.26
C GLN A 84 -4.86 4.54 -4.89
N GLY A 85 -5.91 3.70 -4.89
CA GLY A 85 -5.87 2.38 -5.51
C GLY A 85 -6.77 2.33 -6.74
N GLU A 86 -6.78 1.18 -7.42
CA GLU A 86 -7.56 1.01 -8.63
C GLU A 86 -8.65 -0.01 -8.43
N TRP A 87 -9.90 0.38 -8.74
CA TRP A 87 -11.03 -0.54 -8.67
C TRP A 87 -10.82 -1.73 -9.61
N GLN A 88 -10.09 -1.48 -10.70
CA GLN A 88 -9.82 -2.53 -11.70
C GLN A 88 -9.09 -3.72 -11.10
N THR A 89 -8.22 -3.46 -10.13
CA THR A 89 -7.34 -4.50 -9.58
C THR A 89 -8.09 -5.78 -9.19
N TYR A 90 -9.25 -5.64 -8.53
CA TYR A 90 -10.01 -6.83 -8.06
C TYR A 90 -11.52 -6.82 -8.42
N TYR A 91 -12.00 -5.75 -9.08
CA TYR A 91 -13.43 -5.62 -9.36
C TYR A 91 -13.74 -5.31 -10.83
N ALA A 92 -14.93 -5.70 -11.27
CA ALA A 92 -15.34 -5.57 -12.67
C ALA A 92 -15.83 -4.16 -13.01
N SER A 93 -16.14 -3.38 -11.98
CA SER A 93 -16.61 -2.01 -12.19
C SER A 93 -16.52 -1.23 -10.91
N GLU A 94 -16.47 0.10 -11.03
CA GLU A 94 -16.57 0.96 -9.87
C GLU A 94 -17.80 0.57 -9.05
N GLU A 95 -18.91 0.28 -9.74
CA GLU A 95 -20.16 -0.10 -9.08
C GLU A 95 -19.99 -1.34 -8.19
N GLU A 96 -19.44 -2.41 -8.77
CA GLU A 96 -19.28 -3.68 -8.04
C GLU A 96 -18.27 -3.57 -6.88
N MET A 97 -17.33 -2.64 -6.98
CA MET A 97 -16.40 -2.35 -5.90
C MET A 97 -17.15 -1.78 -4.70
N ILE A 98 -18.16 -0.96 -4.98
CA ILE A 98 -19.00 -0.38 -3.92
C ILE A 98 -19.91 -1.46 -3.31
N THR A 99 -20.54 -2.26 -4.18
CA THR A 99 -21.36 -3.37 -3.73
C THR A 99 -20.55 -4.26 -2.78
N ALA A 100 -19.32 -4.59 -3.19
CA ALA A 100 -18.45 -5.44 -2.40
C ALA A 100 -18.12 -4.83 -1.04
N PHE A 101 -17.92 -3.51 -1.02
CA PHE A 101 -17.57 -2.81 0.20
C PHE A 101 -18.77 -2.76 1.17
N LEU A 102 -19.95 -2.46 0.64
CA LEU A 102 -21.14 -2.31 1.47
C LEU A 102 -21.71 -3.65 1.94
N GLU A 103 -21.41 -4.73 1.20
CA GLU A 103 -21.77 -6.08 1.62
C GLU A 103 -20.85 -6.52 2.74
N SER A 104 -19.57 -6.14 2.64
CA SER A 104 -18.58 -6.41 3.69
C SER A 104 -18.93 -5.68 5.01
N MET A 105 -19.29 -4.41 4.89
CA MET A 105 -19.61 -3.57 6.06
C MET A 105 -21.07 -3.72 6.50
N ALA A 106 -21.78 -4.66 5.89
CA ALA A 106 -23.18 -4.90 6.22
C ALA A 106 -23.41 -5.02 7.75
N PRO A 107 -22.58 -5.84 8.43
CA PRO A 107 -22.75 -6.03 9.89
C PRO A 107 -22.54 -4.74 10.67
N LEU A 108 -21.52 -3.98 10.28
CA LEU A 108 -21.19 -2.74 10.95
C LEU A 108 -22.30 -1.70 10.79
N ILE A 109 -22.85 -1.63 9.58
CA ILE A 109 -23.94 -0.70 9.28
C ILE A 109 -25.17 -1.06 10.08
N GLU A 110 -25.58 -2.33 9.97
CA GLU A 110 -26.81 -2.81 10.59
C GLU A 110 -26.76 -2.81 12.13
N SER A 111 -25.55 -2.75 12.68
CA SER A 111 -25.37 -2.71 14.15
C SER A 111 -25.66 -1.31 14.71
N LYS A 112 -25.58 -0.29 13.85
CA LYS A 112 -25.71 1.09 14.28
C LYS A 112 -24.47 1.52 15.10
N LYS A 113 -23.38 0.78 14.95
CA LYS A 113 -22.11 1.10 15.63
C LYS A 113 -21.14 1.82 14.69
N LEU A 114 -21.59 2.11 13.47
CA LEU A 114 -20.81 2.88 12.51
C LEU A 114 -20.92 4.36 12.82
N PHE A 115 -19.78 5.00 13.05
CA PHE A 115 -19.76 6.44 13.22
C PHE A 115 -19.85 7.07 11.84
N ALA A 116 -18.88 6.74 10.99
CA ALA A 116 -18.84 7.26 9.64
C ALA A 116 -17.86 6.48 8.79
N PHE A 117 -18.13 6.42 7.49
CA PHE A 117 -17.15 5.94 6.54
C PHE A 117 -16.23 7.09 6.17
N LEU A 118 -14.97 6.98 6.56
CA LEU A 118 -13.98 8.00 6.24
C LEU A 118 -13.48 7.82 4.82
N VAL A 119 -13.51 8.90 4.04
CA VAL A 119 -12.98 8.88 2.68
C VAL A 119 -11.84 9.89 2.57
N GLN A 120 -10.61 9.42 2.72
CA GLN A 120 -9.45 10.28 2.68
C GLN A 120 -8.90 10.33 1.27
N PHE A 121 -8.76 11.54 0.74
CA PHE A 121 -8.23 11.72 -0.60
C PHE A 121 -6.77 12.09 -0.55
N SER A 122 -6.10 11.94 -1.69
CA SER A 122 -4.70 12.24 -1.77
C SER A 122 -4.47 13.74 -1.73
N GLY A 123 -3.20 14.14 -1.64
CA GLY A 123 -2.83 15.54 -1.67
C GLY A 123 -2.96 16.10 -3.07
N THR A 124 -2.85 15.21 -4.06
CA THR A 124 -3.01 15.58 -5.46
C THR A 124 -4.49 15.81 -5.80
N PHE A 125 -5.38 15.32 -4.95
CA PHE A 125 -6.82 15.51 -5.13
C PHE A 125 -7.22 16.92 -4.73
N GLY A 126 -7.12 17.85 -5.68
CA GLY A 126 -7.44 19.25 -5.45
C GLY A 126 -8.80 19.62 -5.98
N CYS A 127 -9.10 20.91 -5.99
CA CYS A 127 -10.38 21.43 -6.41
C CYS A 127 -10.50 21.45 -7.95
N THR A 128 -11.33 20.57 -8.49
CA THR A 128 -11.51 20.45 -9.95
C THR A 128 -12.94 20.06 -10.27
N LYS A 129 -13.39 20.38 -11.47
CA LYS A 129 -14.74 20.00 -11.90
C LYS A 129 -14.89 18.48 -11.85
N GLU A 130 -13.86 17.77 -12.32
CA GLU A 130 -13.87 16.30 -12.34
C GLU A 130 -13.87 15.72 -10.90
N ASN A 131 -13.14 16.37 -10.00
CA ASN A 131 -13.06 15.95 -8.59
C ASN A 131 -14.38 16.19 -7.86
N VAL A 132 -15.01 17.33 -8.12
CA VAL A 132 -16.30 17.63 -7.52
C VAL A 132 -17.35 16.63 -8.01
N ALA A 133 -17.23 16.23 -9.28
CA ALA A 133 -18.11 15.22 -9.86
C ALA A 133 -17.97 13.90 -9.11
N TYR A 134 -16.73 13.49 -8.83
CA TYR A 134 -16.46 12.23 -8.12
C TYR A 134 -17.02 12.23 -6.70
N LEU A 135 -17.02 13.41 -6.07
CA LEU A 135 -17.59 13.55 -4.72
C LEU A 135 -19.08 13.29 -4.75
N GLN A 136 -19.74 13.80 -5.78
CA GLN A 136 -21.17 13.56 -5.97
C GLN A 136 -21.42 12.09 -6.32
N LYS A 137 -20.51 11.51 -7.09
CA LYS A 137 -20.60 10.10 -7.42
C LYS A 137 -20.52 9.26 -6.14
N ILE A 138 -19.66 9.71 -5.20
CA ILE A 138 -19.51 9.04 -3.90
C ILE A 138 -20.79 9.17 -3.08
N ARG A 139 -21.35 10.37 -3.06
CA ARG A 139 -22.60 10.61 -2.38
C ARG A 139 -23.65 9.59 -2.83
N HIS A 140 -23.75 9.41 -4.14
CA HIS A 140 -24.69 8.45 -4.72
C HIS A 140 -24.40 7.04 -4.22
N TRP A 141 -23.14 6.61 -4.38
CA TRP A 141 -22.73 5.26 -3.98
C TRP A 141 -23.09 4.92 -2.54
N PHE A 142 -22.91 5.88 -1.63
CA PHE A 142 -23.15 5.64 -0.22
C PHE A 142 -24.54 6.12 0.25
N LYS A 143 -25.50 6.16 -0.69
CA LYS A 143 -26.91 6.37 -0.37
C LYS A 143 -27.14 7.23 0.88
N ASP A 144 -27.69 6.62 1.93
CA ASP A 144 -28.06 7.35 3.15
C ASP A 144 -27.13 6.98 4.31
N LEU A 145 -25.83 6.91 4.02
CA LEU A 145 -24.84 6.52 5.02
C LEU A 145 -23.99 7.73 5.43
N PRO A 146 -23.45 7.69 6.67
CA PRO A 146 -22.59 8.76 7.13
C PRO A 146 -21.25 8.73 6.45
N ILE A 147 -20.88 9.83 5.79
CA ILE A 147 -19.62 9.89 5.07
C ILE A 147 -18.81 11.08 5.54
N ALA A 148 -17.62 10.81 6.05
CA ALA A 148 -16.71 11.86 6.45
C ALA A 148 -15.66 12.04 5.36
N ILE A 149 -15.62 13.24 4.77
CA ILE A 149 -14.66 13.53 3.72
C ILE A 149 -13.47 14.27 4.29
N GLU A 150 -12.28 13.70 4.10
CA GLU A 150 -11.04 14.38 4.48
C GLU A 150 -10.27 14.82 3.24
N LEU A 151 -10.20 16.14 3.03
CA LEU A 151 -9.42 16.71 1.95
C LEU A 151 -8.05 17.04 2.46
N ARG A 152 -7.03 16.83 1.63
CA ARG A 152 -5.64 17.12 2.02
C ARG A 152 -4.93 17.97 0.98
N ASN A 153 -5.68 18.92 0.40
CA ASN A 153 -5.14 19.85 -0.59
C ASN A 153 -5.77 21.23 -0.41
N ASN A 154 -4.94 22.22 -0.07
CA ASN A 154 -5.44 23.57 0.29
C ASN A 154 -6.15 24.32 -0.85
N SER A 155 -6.12 23.78 -2.07
CA SER A 155 -6.84 24.38 -3.20
C SER A 155 -8.32 24.51 -2.88
N TRP A 156 -8.86 23.53 -2.16
CA TRP A 156 -10.25 23.56 -1.73
C TRP A 156 -10.49 24.69 -0.73
N TYR A 157 -9.46 25.02 0.06
CA TYR A 157 -9.57 25.99 1.14
C TYR A 157 -9.09 27.41 0.77
N GLN A 158 -8.96 27.68 -0.52
CA GLN A 158 -8.60 29.02 -1.00
C GLN A 158 -9.82 29.94 -0.91
N PRO A 159 -9.59 31.27 -0.93
CA PRO A 159 -10.71 32.22 -0.79
C PRO A 159 -11.75 32.09 -1.90
N ASN A 160 -11.30 31.73 -3.10
CA ASN A 160 -12.19 31.65 -4.27
C ASN A 160 -12.97 30.31 -4.38
N PHE A 161 -12.69 29.38 -3.46
CA PHE A 161 -13.36 28.08 -3.46
C PHE A 161 -13.99 27.73 -2.12
N VAL A 162 -13.24 27.98 -1.03
CA VAL A 162 -13.60 27.48 0.31
C VAL A 162 -15.08 27.61 0.66
N LYS A 163 -15.67 28.76 0.39
CA LYS A 163 -17.05 29.01 0.78
C LYS A 163 -18.00 28.19 -0.07
N GLN A 164 -17.81 28.24 -1.39
CA GLN A 164 -18.63 27.43 -2.30
C GLN A 164 -18.51 25.94 -1.92
N MET A 165 -17.29 25.54 -1.56
CA MET A 165 -17.00 24.15 -1.18
C MET A 165 -17.76 23.74 0.08
N LEU A 166 -17.70 24.58 1.10
CA LEU A 166 -18.38 24.28 2.37
C LEU A 166 -19.88 24.08 2.14
N GLN A 167 -20.45 24.84 1.21
CA GLN A 167 -21.88 24.71 0.89
C GLN A 167 -22.13 23.39 0.16
N PHE A 168 -21.20 23.01 -0.72
CA PHE A 168 -21.29 21.74 -1.44
C PHE A 168 -21.38 20.59 -0.45
N MET A 169 -20.59 20.67 0.62
CA MET A 169 -20.56 19.63 1.64
C MET A 169 -21.89 19.58 2.41
N LYS A 170 -22.34 20.75 2.86
CA LYS A 170 -23.62 20.86 3.54
C LYS A 170 -24.71 20.21 2.71
N GLU A 171 -24.76 20.56 1.43
CA GLU A 171 -25.84 20.09 0.55
C GLU A 171 -25.78 18.60 0.26
N ASN A 172 -24.57 18.03 0.28
CA ASN A 172 -24.41 16.60 0.08
C ASN A 172 -24.29 15.84 1.42
N GLN A 173 -24.72 16.48 2.51
CA GLN A 173 -24.67 15.89 3.87
C GLN A 173 -23.30 15.30 4.24
N PHE A 174 -22.24 15.78 3.61
CA PHE A 174 -20.90 15.32 3.92
C PHE A 174 -20.42 15.96 5.21
N SER A 175 -19.75 15.16 6.03
CA SER A 175 -19.11 15.67 7.23
C SER A 175 -17.64 15.96 6.93
N LEU A 176 -17.36 17.18 6.50
CA LEU A 176 -15.99 17.58 6.18
C LEU A 176 -15.12 17.46 7.40
N VAL A 177 -14.09 16.62 7.30
CA VAL A 177 -13.20 16.37 8.42
C VAL A 177 -12.38 17.59 8.75
N ILE A 178 -12.39 17.99 10.02
CA ILE A 178 -11.53 19.06 10.49
C ILE A 178 -10.12 18.48 10.68
N VAL A 179 -9.18 18.92 9.84
CA VAL A 179 -7.84 18.35 9.79
C VAL A 179 -6.83 19.20 10.56
N ASP A 180 -5.87 18.53 11.20
CA ASP A 180 -4.76 19.21 11.87
C ASP A 180 -3.46 18.52 11.51
N GLU A 181 -2.81 18.99 10.45
CA GLU A 181 -1.61 18.35 9.93
C GLU A 181 -0.45 19.30 9.93
N PRO A 182 0.77 18.78 9.75
CA PRO A 182 1.94 19.65 9.70
C PRO A 182 1.82 20.66 8.59
N GLN A 183 1.95 21.94 8.93
CA GLN A 183 1.83 23.00 7.96
C GLN A 183 3.13 23.14 7.17
N ILE A 184 3.32 22.22 6.24
CA ILE A 184 4.50 22.17 5.38
C ILE A 184 4.35 23.20 4.25
N PRO A 185 5.49 23.71 3.73
CA PRO A 185 5.40 24.51 2.52
C PRO A 185 5.07 23.65 1.27
N THR A 186 3.84 23.13 1.21
CA THR A 186 3.37 22.35 0.05
C THR A 186 1.89 22.70 -0.23
N ASN A 187 0.98 21.80 0.15
CA ASN A 187 -0.45 22.04 -0.03
C ASN A 187 -1.26 21.58 1.17
N PRO A 188 -0.74 21.82 2.40
CA PRO A 188 -1.43 21.32 3.58
C PRO A 188 -2.73 22.05 3.86
N VAL A 189 -3.65 21.37 4.50
CA VAL A 189 -4.93 21.93 4.80
C VAL A 189 -4.90 22.64 6.17
N PRO A 190 -5.46 23.85 6.25
CA PRO A 190 -5.51 24.58 7.52
C PRO A 190 -6.50 23.96 8.51
N PHE A 191 -6.33 24.28 9.78
CA PHE A 191 -7.26 23.84 10.81
C PHE A 191 -8.53 24.71 10.71
N TYR A 192 -9.57 24.16 10.08
CA TYR A 192 -10.82 24.91 9.80
C TYR A 192 -12.02 24.30 10.56
N PRO A 193 -12.14 24.58 11.87
CA PRO A 193 -13.25 24.03 12.66
C PRO A 193 -14.61 24.58 12.19
N TYR A 194 -15.34 23.76 11.44
CA TYR A 194 -16.58 24.20 10.80
C TYR A 194 -17.47 22.98 10.54
N VAL A 195 -18.74 23.09 10.91
CA VAL A 195 -19.68 21.98 10.78
C VAL A 195 -20.38 22.01 9.44
N THR A 196 -20.04 21.08 8.55
CA THR A 196 -20.73 20.94 7.28
C THR A 196 -21.96 20.05 7.46
N ASN A 197 -21.87 19.10 8.39
CA ASN A 197 -23.00 18.23 8.73
C ASN A 197 -23.26 18.28 10.23
N PRO A 198 -24.39 18.88 10.64
CA PRO A 198 -24.72 19.03 12.07
C PRO A 198 -24.94 17.70 12.80
N ASN A 199 -25.25 16.65 12.05
CA ASN A 199 -25.51 15.35 12.65
C ASN A 199 -24.25 14.61 13.07
N LEU A 200 -23.12 14.89 12.41
CA LEU A 200 -21.82 14.34 12.87
C LEU A 200 -20.62 15.15 12.40
N VAL A 201 -19.66 15.34 13.31
CA VAL A 201 -18.42 16.02 13.01
C VAL A 201 -17.28 15.04 13.25
N LEU A 202 -16.13 15.32 12.65
CA LEU A 202 -14.96 14.46 12.86
C LEU A 202 -13.68 15.26 12.78
N PHE A 203 -12.90 15.23 13.85
CA PHE A 203 -11.57 15.81 13.86
C PHE A 203 -10.57 14.71 13.57
N ARG A 204 -9.42 15.09 13.03
CA ARG A 204 -8.30 14.16 12.87
C ARG A 204 -7.00 14.89 13.08
N PHE A 205 -6.33 14.57 14.19
CA PHE A 205 -5.08 15.22 14.53
C PHE A 205 -3.88 14.39 14.07
N HIS A 206 -3.17 14.90 13.06
CA HIS A 206 -2.03 14.19 12.47
C HIS A 206 -0.69 14.68 13.04
N GLY A 207 -0.74 15.66 13.96
CA GLY A 207 0.48 16.24 14.53
C GLY A 207 0.92 17.48 13.78
N ARG A 208 1.99 18.09 14.26
CA ARG A 208 2.51 19.31 13.65
C ARG A 208 4.01 19.27 13.54
N ASN A 209 4.52 18.21 12.93
CA ASN A 209 5.96 18.05 12.79
C ASN A 209 6.48 18.76 11.54
N ALA A 210 6.11 20.04 11.39
CA ALA A 210 6.59 20.85 10.27
C ALA A 210 8.12 20.82 10.24
N ALA A 211 8.74 21.04 11.39
CA ALA A 211 10.17 20.82 11.53
C ALA A 211 10.40 19.32 11.49
N GLY A 212 11.38 18.90 10.71
CA GLY A 212 11.59 17.48 10.48
C GLY A 212 11.19 17.12 9.06
N TRP A 213 10.42 18.00 8.43
CA TRP A 213 10.09 17.85 7.02
C TRP A 213 11.25 18.27 6.15
N LEU A 214 11.64 17.38 5.25
CA LEU A 214 12.61 17.70 4.23
C LEU A 214 12.00 17.39 2.90
N ALA A 215 12.28 18.25 1.92
CA ALA A 215 11.81 18.01 0.57
C ALA A 215 12.51 16.77 0.03
N ASN A 216 11.76 15.96 -0.72
CA ASN A 216 12.29 14.73 -1.32
C ASN A 216 12.78 13.73 -0.26
N ASP A 217 12.15 13.76 0.92
CA ASP A 217 12.50 12.84 2.01
C ASP A 217 11.50 11.72 2.09
N ALA A 218 11.99 10.49 1.97
CA ALA A 218 11.11 9.31 2.02
C ALA A 218 10.65 9.02 3.44
N GLU A 219 11.48 9.40 4.42
CA GLU A 219 11.18 9.14 5.83
C GLU A 219 10.13 10.08 6.39
N TRP A 220 9.62 10.98 5.55
CA TRP A 220 8.49 11.83 5.92
C TRP A 220 7.26 10.94 6.11
N ARG A 221 7.31 9.74 5.53
CA ARG A 221 6.30 8.73 5.77
C ARG A 221 6.08 8.56 7.28
N LYS A 222 7.18 8.42 8.02
CA LYS A 222 7.12 8.19 9.46
C LYS A 222 7.09 9.50 10.25
N LYS A 223 7.79 10.53 9.75
CA LYS A 223 7.92 11.80 10.47
C LYS A 223 6.62 12.64 10.48
N ARG A 224 5.79 12.46 9.45
CA ARG A 224 4.60 13.31 9.28
C ARG A 224 3.55 13.17 10.40
N THR A 225 3.47 11.97 11.00
CA THR A 225 2.57 11.74 12.14
C THR A 225 3.37 11.51 13.46
N LEU A 226 4.60 12.01 13.48
CA LEU A 226 5.47 11.91 14.65
C LEU A 226 5.40 13.20 15.42
N TYR A 227 4.54 13.24 16.43
CA TYR A 227 4.36 14.44 17.21
C TYR A 227 3.71 14.15 18.54
N HIS A 228 3.99 15.01 19.52
CA HIS A 228 3.40 14.90 20.85
C HIS A 228 2.86 16.26 21.27
N TYR A 229 1.55 16.43 21.16
CA TYR A 229 0.94 17.70 21.50
C TYR A 229 1.21 18.05 22.95
N ASN A 230 1.63 19.28 23.19
CA ASN A 230 1.86 19.76 24.55
C ASN A 230 0.54 20.25 25.16
N THR A 231 0.54 20.45 26.47
CA THR A 231 -0.68 20.81 27.20
C THR A 231 -1.35 22.09 26.62
N GLN A 232 -0.53 23.05 26.19
CA GLN A 232 -1.05 24.27 25.57
C GLN A 232 -1.77 23.95 24.27
N GLU A 233 -1.19 23.05 23.47
CA GLU A 233 -1.80 22.64 22.19
C GLU A 233 -3.07 21.85 22.41
N ILE A 234 -3.05 20.93 23.38
CA ILE A 234 -4.23 20.14 23.71
C ILE A 234 -5.37 21.07 24.11
N ALA A 235 -5.05 22.07 24.93
CA ALA A 235 -6.04 23.06 25.37
C ALA A 235 -6.68 23.78 24.18
N ASP A 236 -5.83 24.16 23.21
CA ASP A 236 -6.31 24.85 21.99
C ASP A 236 -7.20 23.94 21.16
N LEU A 237 -6.77 22.69 20.98
CA LEU A 237 -7.56 21.71 20.24
C LEU A 237 -8.84 21.37 20.99
N SER A 238 -8.73 21.28 22.32
CA SER A 238 -9.90 20.98 23.14
C SER A 238 -10.98 22.03 22.95
N GLU A 239 -10.58 23.32 22.99
CA GLU A 239 -11.54 24.44 22.82
C GLU A 239 -12.26 24.35 21.47
N ALA A 240 -11.55 23.90 20.45
CA ALA A 240 -12.13 23.72 19.14
C ALA A 240 -13.25 22.69 19.21
N VAL A 241 -12.94 21.53 19.78
CA VAL A 241 -13.91 20.43 19.88
C VAL A 241 -15.12 20.84 20.73
N LEU A 242 -14.87 21.54 21.85
CA LEU A 242 -15.95 22.01 22.72
C LEU A 242 -16.89 22.95 21.96
N LYS A 243 -16.34 23.76 21.06
CA LYS A 243 -17.13 24.68 20.25
C LYS A 243 -18.03 23.91 19.26
N MET A 244 -17.44 22.94 18.57
CA MET A 244 -18.18 22.18 17.54
C MET A 244 -19.24 21.26 18.14
N SER A 245 -19.00 20.78 19.37
CA SER A 245 -19.96 19.89 20.04
C SER A 245 -21.24 20.62 20.44
N GLN A 246 -21.13 21.93 20.60
CA GLN A 246 -22.29 22.77 20.88
C GLN A 246 -23.17 22.92 19.63
N GLU A 247 -22.55 22.84 18.45
CA GLU A 247 -23.25 23.00 17.17
C GLU A 247 -23.66 21.65 16.55
N ALA A 248 -23.13 20.56 17.08
CA ALA A 248 -23.34 19.24 16.46
C ALA A 248 -23.88 18.19 17.45
N LYS A 249 -24.62 17.22 16.91
CA LYS A 249 -25.20 16.15 17.72
C LYS A 249 -24.10 15.16 18.13
N GLU A 250 -23.30 14.72 17.16
CA GLU A 250 -22.22 13.77 17.41
C GLU A 250 -20.89 14.37 16.98
N VAL A 251 -19.89 14.27 17.84
CA VAL A 251 -18.54 14.77 17.52
C VAL A 251 -17.51 13.69 17.75
N GLY A 252 -16.75 13.37 16.70
CA GLY A 252 -15.68 12.39 16.80
C GLY A 252 -14.33 13.06 16.75
N VAL A 253 -13.33 12.40 17.34
CA VAL A 253 -11.97 12.89 17.34
C VAL A 253 -11.01 11.72 17.24
N ILE A 254 -10.18 11.72 16.21
CA ILE A 254 -9.21 10.63 16.00
C ILE A 254 -7.79 11.15 16.07
N PHE A 255 -7.08 10.79 17.14
CA PHE A 255 -5.66 11.15 17.27
C PHE A 255 -4.81 10.21 16.41
N ASN A 256 -4.19 10.77 15.39
CA ASN A 256 -3.43 10.00 14.43
C ASN A 256 -1.91 10.23 14.55
N ASN A 257 -1.50 11.03 15.54
CA ASN A 257 -0.07 11.34 15.77
C ASN A 257 0.65 10.23 16.54
N ASN A 258 0.74 9.04 15.95
CA ASN A 258 1.21 7.84 16.69
C ASN A 258 2.47 7.19 16.12
N SER A 259 3.28 7.94 15.38
CA SER A 259 4.57 7.42 14.92
C SER A 259 5.51 7.20 16.09
N GLY A 260 5.34 8.00 17.15
CA GLY A 260 6.14 7.87 18.36
C GLY A 260 5.39 7.22 19.51
N GLY A 261 4.13 6.85 19.26
CA GLY A 261 3.29 6.20 20.27
C GLY A 261 2.53 7.18 21.15
N ASP A 262 2.48 8.43 20.73
CA ASP A 262 1.95 9.52 21.57
C ASP A 262 0.43 9.70 21.47
N ALA A 263 -0.17 9.18 20.41
CA ALA A 263 -1.62 9.34 20.18
C ALA A 263 -2.45 9.04 21.44
N ALA A 264 -2.21 7.87 22.02
CA ALA A 264 -2.97 7.43 23.20
C ALA A 264 -2.98 8.47 24.31
N GLU A 265 -1.79 8.85 24.78
CA GLU A 265 -1.66 9.82 25.86
C GLU A 265 -2.38 11.14 25.53
N ASN A 266 -2.02 11.75 24.39
CA ASN A 266 -2.64 13.02 23.95
C ASN A 266 -4.15 12.94 23.95
N ALA A 267 -4.69 11.81 23.51
CA ALA A 267 -6.15 11.61 23.47
C ALA A 267 -6.74 11.59 24.89
N LEU A 268 -6.11 10.84 25.78
CA LEU A 268 -6.55 10.78 27.18
C LEU A 268 -6.33 12.12 27.87
N GLN A 269 -5.22 12.79 27.53
CA GLN A 269 -4.95 14.13 28.05
C GLN A 269 -6.10 15.08 27.71
N MET A 270 -6.62 14.97 26.49
CA MET A 270 -7.77 15.77 26.06
C MET A 270 -9.03 15.36 26.81
N GLN A 271 -9.18 14.05 27.04
CA GLN A 271 -10.34 13.53 27.78
C GLN A 271 -10.46 14.21 29.15
N LYS A 272 -9.33 14.36 29.84
CA LYS A 272 -9.30 15.03 31.15
C LYS A 272 -9.69 16.48 31.03
N VAL A 273 -9.19 17.14 29.97
CA VAL A 273 -9.49 18.54 29.71
C VAL A 273 -10.97 18.74 29.38
N LEU A 274 -11.50 17.93 28.46
CA LEU A 274 -12.93 17.99 28.11
C LEU A 274 -13.80 17.42 29.22
N ASN A 275 -13.18 16.71 30.17
CA ASN A 275 -13.90 16.14 31.33
C ASN A 275 -15.02 15.18 30.88
N LEU A 276 -14.63 13.98 30.44
CA LEU A 276 -15.57 13.00 29.86
C LEU A 276 -15.55 11.68 30.65
N SER A 277 -16.66 10.91 30.55
CA SER A 277 -16.82 9.64 31.30
C SER A 277 -16.95 8.42 30.34
N TYR A 278 -17.44 7.31 30.87
CA TYR A 278 -17.59 6.08 30.08
C TYR A 278 -18.46 5.01 30.78
N ASP A 279 -19.21 4.27 29.96
CA ASP A 279 -19.96 3.09 30.42
C ASP A 279 -19.83 1.99 29.34
N ASP A 280 -18.58 1.76 28.91
CA ASP A 280 -18.30 0.82 27.84
C ASP A 280 -17.90 -0.56 28.44
N LEU A 281 -16.93 -1.26 27.82
CA LEU A 281 -16.53 -2.60 28.30
C LEU A 281 -15.82 -2.51 29.62
N ASN A 282 -15.45 -3.65 30.16
CA ASN A 282 -14.87 -3.74 31.47
C ASN A 282 -13.58 -4.54 31.46
N PRO A 283 -12.52 -4.01 32.11
CA PRO A 283 -11.24 -4.73 32.19
C PRO A 283 -11.33 -6.01 33.04
N LYS A 284 -10.37 -6.92 32.83
CA LYS A 284 -10.36 -8.21 33.53
C LYS A 284 -8.91 -8.64 33.78
N GLN A 285 -8.70 -9.44 34.84
CA GLN A 285 -7.34 -9.93 35.19
C GLN A 285 -7.20 -11.44 35.02
N LEU A 286 -7.15 -11.87 33.76
CA LEU A 286 -6.98 -13.28 33.42
C LEU A 286 -5.68 -13.47 32.66
N ASP A 287 -5.66 -12.96 31.43
CA ASP A 287 -4.58 -13.22 30.50
C ASP A 287 -3.55 -12.10 30.56
N MET B 13 25.18 -18.57 -17.98
CA MET B 13 24.72 -18.86 -16.59
C MET B 13 23.22 -18.51 -16.39
N ILE B 14 22.54 -19.33 -15.57
CA ILE B 14 21.11 -19.14 -15.27
C ILE B 14 20.90 -19.02 -13.76
N ARG B 15 20.41 -17.87 -13.31
CA ARG B 15 20.19 -17.63 -11.89
C ARG B 15 18.71 -17.81 -11.52
N LEU B 16 18.45 -18.74 -10.58
CA LEU B 16 17.09 -18.94 -10.04
C LEU B 16 16.98 -18.22 -8.67
N GLY B 17 15.94 -17.44 -8.50
CA GLY B 17 15.73 -16.69 -7.26
C GLY B 17 14.29 -16.64 -6.84
N LEU B 18 14.03 -15.93 -5.75
CA LEU B 18 12.68 -15.79 -5.21
C LEU B 18 12.43 -14.32 -4.83
N THR B 19 11.17 -13.96 -4.65
CA THR B 19 10.84 -12.64 -4.12
C THR B 19 10.87 -12.71 -2.61
N SER B 20 11.55 -11.75 -1.98
CA SER B 20 11.73 -11.75 -0.52
C SER B 20 12.74 -12.82 -0.15
N PHE B 21 13.56 -12.54 0.86
CA PHE B 21 14.59 -13.50 1.27
C PHE B 21 14.33 -14.15 2.63
N SER B 22 13.43 -13.55 3.43
CA SER B 22 13.22 -13.97 4.80
C SER B 22 12.10 -15.02 4.98
N GLU B 23 11.14 -15.04 4.06
CA GLU B 23 9.93 -15.86 4.24
C GLU B 23 10.01 -17.26 3.57
N HIS B 24 11.21 -17.78 3.37
CA HIS B 24 11.38 -19.07 2.70
C HIS B 24 12.01 -20.10 3.61
N ASP B 25 11.19 -20.62 4.54
CA ASP B 25 11.68 -21.58 5.57
C ASP B 25 12.04 -22.95 4.99
N TYR B 26 11.47 -23.29 3.84
CA TYR B 26 11.81 -24.55 3.15
C TYR B 26 13.27 -24.51 2.70
N LEU B 27 13.69 -23.34 2.26
CA LEU B 27 15.00 -23.15 1.69
C LEU B 27 16.06 -23.16 2.77
N THR B 28 15.74 -22.57 3.91
CA THR B 28 16.75 -22.29 4.92
C THR B 28 16.50 -23.01 6.29
N GLY B 29 15.25 -23.39 6.55
CA GLY B 29 14.92 -24.06 7.81
C GLY B 29 14.30 -23.12 8.85
N LYS B 30 14.82 -21.89 8.92
CA LYS B 30 14.32 -20.90 9.90
C LYS B 30 13.07 -20.16 9.35
N LYS B 31 12.17 -19.78 10.26
CA LYS B 31 10.93 -19.06 9.89
C LYS B 31 11.26 -17.74 9.23
N ARG B 32 12.03 -16.91 9.94
CA ARG B 32 12.56 -15.67 9.37
C ARG B 32 14.04 -15.86 9.11
N SER B 33 14.42 -15.80 7.84
CA SER B 33 15.82 -15.98 7.45
C SER B 33 16.48 -14.68 7.05
N THR B 34 17.80 -14.63 7.18
CA THR B 34 18.56 -13.43 6.82
C THR B 34 19.00 -13.53 5.38
N LEU B 35 19.37 -12.38 4.82
CA LEU B 35 19.82 -12.33 3.44
C LEU B 35 21.08 -13.17 3.25
N TYR B 36 21.99 -13.11 4.23
CA TYR B 36 23.20 -13.92 4.20
C TYR B 36 22.84 -15.41 4.11
N GLU B 37 21.92 -15.84 4.96
CA GLU B 37 21.45 -17.24 4.95
C GLU B 37 20.85 -17.58 3.60
N TYR B 38 20.01 -16.68 3.09
CA TYR B 38 19.37 -16.88 1.82
C TYR B 38 20.42 -17.09 0.72
N ALA B 39 21.44 -16.23 0.70
CA ALA B 39 22.48 -16.28 -0.35
C ALA B 39 23.53 -17.39 -0.09
N SER B 40 23.12 -18.39 0.69
CA SER B 40 23.89 -19.62 0.85
C SER B 40 23.12 -20.76 0.19
N HIS B 41 22.13 -20.40 -0.64
CA HIS B 41 21.24 -21.38 -1.28
C HIS B 41 20.96 -21.01 -2.73
N LEU B 42 20.64 -19.74 -2.99
CA LEU B 42 20.40 -19.26 -4.35
C LEU B 42 21.25 -18.01 -4.61
N PRO B 43 21.53 -17.72 -5.91
CA PRO B 43 22.34 -16.58 -6.28
C PRO B 43 21.51 -15.39 -6.80
N LEU B 44 20.22 -15.34 -6.44
CA LEU B 44 19.33 -14.29 -6.96
C LEU B 44 18.14 -14.03 -6.01
N VAL B 45 17.74 -12.77 -5.90
CA VAL B 45 16.47 -12.40 -5.22
C VAL B 45 15.84 -11.23 -5.86
N GLU B 46 14.53 -11.15 -5.73
CA GLU B 46 13.84 -9.95 -6.01
C GLU B 46 13.54 -9.31 -4.69
N MET B 47 13.67 -7.99 -4.63
CA MET B 47 13.35 -7.26 -3.44
C MET B 47 12.40 -6.15 -3.76
N ASP B 48 11.25 -6.17 -3.10
CA ASP B 48 10.21 -5.21 -3.34
C ASP B 48 10.17 -4.16 -2.24
N THR B 49 11.24 -4.08 -1.46
CA THR B 49 11.35 -3.12 -0.35
C THR B 49 11.15 -1.70 -0.87
N ALA B 50 11.88 -1.34 -1.92
CA ALA B 50 11.88 0.02 -2.44
C ALA B 50 10.54 0.39 -3.06
N TYR B 51 9.77 -0.61 -3.45
CA TYR B 51 8.48 -0.37 -4.07
C TYR B 51 7.59 0.45 -3.16
N TYR B 52 7.55 0.07 -1.89
CA TYR B 52 6.66 0.69 -0.93
C TYR B 52 7.26 1.97 -0.35
N GLY B 53 8.57 2.16 -0.53
CA GLY B 53 9.26 3.35 -0.05
C GLY B 53 10.76 3.25 -0.24
N ILE B 54 11.35 4.27 -0.87
CA ILE B 54 12.78 4.25 -1.18
C ILE B 54 13.57 4.19 0.12
N PRO B 55 14.41 3.15 0.27
CA PRO B 55 15.19 2.96 1.48
C PRO B 55 16.46 3.78 1.48
N PRO B 56 17.04 4.01 2.67
CA PRO B 56 18.28 4.74 2.78
C PRO B 56 19.43 4.03 2.09
N LYS B 57 20.40 4.78 1.61
CA LYS B 57 21.58 4.22 0.95
C LYS B 57 22.29 3.22 1.86
N GLU B 58 22.27 3.49 3.17
CA GLU B 58 23.00 2.69 4.14
C GLU B 58 22.48 1.26 4.20
N ARG B 59 21.16 1.08 4.10
CA ARG B 59 20.58 -0.26 4.19
C ARG B 59 20.80 -1.05 2.92
N VAL B 60 20.90 -0.34 1.78
CA VAL B 60 21.20 -1.01 0.52
C VAL B 60 22.62 -1.55 0.57
N ALA B 61 23.51 -0.81 1.22
CA ALA B 61 24.88 -1.24 1.41
C ALA B 61 24.98 -2.46 2.32
N GLU B 62 24.01 -2.60 3.25
CA GLU B 62 23.95 -3.79 4.11
C GLU B 62 23.65 -5.04 3.30
N TRP B 63 22.78 -4.90 2.29
CA TRP B 63 22.40 -6.03 1.44
C TRP B 63 23.58 -6.46 0.59
N VAL B 64 24.24 -5.47 -0.02
CA VAL B 64 25.42 -5.73 -0.86
C VAL B 64 26.53 -6.46 -0.07
N LYS B 65 26.76 -6.02 1.17
CA LYS B 65 27.80 -6.62 2.04
C LYS B 65 27.41 -8.01 2.55
N ALA B 66 26.12 -8.34 2.48
CA ALA B 66 25.62 -9.60 3.03
C ALA B 66 25.71 -10.76 2.04
N VAL B 67 26.01 -10.47 0.77
CA VAL B 67 25.96 -11.50 -0.26
C VAL B 67 27.30 -11.68 -0.99
N PRO B 68 27.44 -12.81 -1.72
CA PRO B 68 28.64 -13.11 -2.50
C PRO B 68 28.93 -12.17 -3.67
N GLU B 69 30.03 -12.46 -4.36
CA GLU B 69 30.41 -11.76 -5.57
C GLU B 69 29.48 -12.15 -6.71
N ASN B 70 29.19 -13.44 -6.78
CA ASN B 70 28.38 -14.02 -7.85
C ASN B 70 26.86 -13.69 -7.69
N PHE B 71 26.46 -13.21 -6.51
CA PHE B 71 25.05 -12.96 -6.20
C PHE B 71 24.51 -11.74 -6.95
N ARG B 72 23.23 -11.78 -7.31
CA ARG B 72 22.57 -10.68 -8.04
C ARG B 72 21.22 -10.27 -7.39
N PHE B 73 20.83 -9.01 -7.62
CA PHE B 73 19.57 -8.47 -7.09
C PHE B 73 18.63 -8.01 -8.20
N VAL B 74 17.39 -8.44 -8.13
CA VAL B 74 16.33 -7.86 -8.94
C VAL B 74 15.64 -6.85 -8.04
N MET B 75 15.85 -5.58 -8.32
CA MET B 75 15.36 -4.53 -7.44
C MET B 75 14.11 -3.85 -8.03
N LYS B 76 12.97 -4.07 -7.41
CA LYS B 76 11.72 -3.46 -7.86
C LYS B 76 11.72 -1.98 -7.53
N VAL B 77 11.43 -1.16 -8.52
CA VAL B 77 11.48 0.29 -8.36
C VAL B 77 10.32 0.83 -7.54
N TYR B 78 10.47 2.06 -7.06
CA TYR B 78 9.45 2.73 -6.26
C TYR B 78 8.14 2.83 -7.03
N SER B 79 7.03 2.53 -6.34
CA SER B 79 5.69 2.56 -6.94
C SER B 79 5.39 3.90 -7.61
N GLY B 80 6.02 4.96 -7.11
CA GLY B 80 5.91 6.27 -7.72
C GLY B 80 6.43 6.31 -9.15
N ILE B 81 7.42 5.45 -9.45
CA ILE B 81 7.99 5.38 -10.79
C ILE B 81 7.12 4.51 -11.73
N SER B 82 6.70 3.35 -11.24
CA SER B 82 5.82 2.45 -12.03
C SER B 82 4.34 2.92 -12.00
N CYS B 83 4.08 4.04 -11.32
CA CYS B 83 2.78 4.77 -11.41
C CYS B 83 1.66 4.28 -10.47
N GLN B 84 1.89 3.21 -9.74
CA GLN B 84 0.92 2.78 -8.73
C GLN B 84 0.87 3.83 -7.64
N GLY B 85 2.03 4.36 -7.28
CA GLY B 85 2.12 5.44 -6.30
C GLY B 85 2.20 6.80 -6.99
N GLU B 86 2.26 7.85 -6.18
CA GLU B 86 2.36 9.22 -6.70
C GLU B 86 3.70 9.86 -6.28
N TRP B 87 4.44 10.37 -7.26
CA TRP B 87 5.71 11.04 -6.97
C TRP B 87 5.53 12.24 -6.04
N GLN B 88 4.37 12.90 -6.16
CA GLN B 88 4.07 14.12 -5.38
C GLN B 88 4.14 13.85 -3.89
N THR B 89 3.73 12.65 -3.48
CA THR B 89 3.60 12.30 -2.07
C THR B 89 4.81 12.68 -1.23
N TYR B 90 6.00 12.32 -1.67
CA TYR B 90 7.22 12.62 -0.91
C TYR B 90 8.27 13.41 -1.67
N TYR B 91 8.06 13.62 -2.98
CA TYR B 91 9.04 14.29 -3.83
C TYR B 91 8.43 15.49 -4.55
N ALA B 92 9.27 16.48 -4.86
CA ALA B 92 8.83 17.73 -5.45
C ALA B 92 8.81 17.68 -6.98
N SER B 93 9.28 16.58 -7.54
CA SER B 93 9.26 16.39 -9.00
C SER B 93 9.50 14.95 -9.35
N GLU B 94 9.08 14.57 -10.55
CA GLU B 94 9.38 13.25 -11.07
C GLU B 94 10.89 13.07 -11.19
N GLU B 95 11.59 14.17 -11.51
CA GLU B 95 13.04 14.13 -11.66
C GLU B 95 13.71 13.83 -10.32
N GLU B 96 13.30 14.56 -9.27
CA GLU B 96 13.89 14.39 -7.93
C GLU B 96 13.55 13.04 -7.32
N MET B 97 12.44 12.43 -7.75
CA MET B 97 12.07 11.10 -7.30
C MET B 97 13.07 10.09 -7.82
N ILE B 98 13.43 10.23 -9.08
CA ILE B 98 14.43 9.34 -9.70
C ILE B 98 15.79 9.57 -9.04
N THR B 99 16.14 10.83 -8.83
CA THR B 99 17.40 11.19 -8.19
C THR B 99 17.48 10.53 -6.82
N ALA B 100 16.38 10.57 -6.08
CA ALA B 100 16.33 9.96 -4.77
C ALA B 100 16.52 8.46 -4.85
N PHE B 101 15.90 7.84 -5.86
CA PHE B 101 15.97 6.41 -6.05
C PHE B 101 17.39 5.97 -6.39
N LEU B 102 17.97 6.62 -7.37
CA LEU B 102 19.31 6.25 -7.84
C LEU B 102 20.39 6.55 -6.80
N GLU B 103 20.17 7.59 -5.99
CA GLU B 103 21.11 7.90 -4.93
C GLU B 103 21.03 6.86 -3.85
N SER B 104 19.82 6.36 -3.61
CA SER B 104 19.60 5.27 -2.66
C SER B 104 20.26 3.97 -3.14
N MET B 105 20.17 3.70 -4.45
CA MET B 105 20.61 2.43 -5.01
C MET B 105 22.07 2.45 -5.45
N ALA B 106 22.75 3.58 -5.23
CA ALA B 106 24.13 3.74 -5.67
C ALA B 106 25.03 2.58 -5.19
N PRO B 107 24.92 2.20 -3.90
CA PRO B 107 25.74 1.09 -3.41
C PRO B 107 25.55 -0.19 -4.23
N LEU B 108 24.30 -0.49 -4.55
CA LEU B 108 23.97 -1.68 -5.34
C LEU B 108 24.47 -1.52 -6.76
N ILE B 109 24.30 -0.31 -7.31
CA ILE B 109 24.76 -0.01 -8.65
C ILE B 109 26.28 -0.15 -8.75
N GLU B 110 26.98 0.52 -7.86
CA GLU B 110 28.45 0.53 -7.88
C GLU B 110 29.05 -0.85 -7.62
N SER B 111 28.31 -1.69 -6.91
CA SER B 111 28.79 -3.04 -6.55
C SER B 111 28.73 -4.05 -7.72
N LYS B 112 28.06 -3.68 -8.80
CA LYS B 112 27.92 -4.56 -9.98
C LYS B 112 27.06 -5.81 -9.66
N LYS B 113 26.31 -5.75 -8.54
CA LYS B 113 25.49 -6.88 -8.10
C LYS B 113 24.03 -6.71 -8.51
N LEU B 114 23.74 -5.61 -9.22
CA LEU B 114 22.41 -5.38 -9.73
C LEU B 114 22.17 -6.25 -10.96
N PHE B 115 21.14 -7.09 -10.91
CA PHE B 115 20.72 -7.82 -12.10
C PHE B 115 19.97 -6.85 -12.99
N ALA B 116 18.95 -6.19 -12.41
CA ALA B 116 18.15 -5.22 -13.13
C ALA B 116 17.12 -4.57 -12.21
N PHE B 117 16.75 -3.34 -12.52
CA PHE B 117 15.65 -2.68 -11.85
C PHE B 117 14.35 -3.13 -12.50
N LEU B 118 13.50 -3.78 -11.72
CA LEU B 118 12.23 -4.25 -12.24
C LEU B 118 11.22 -3.12 -12.20
N VAL B 119 10.53 -2.90 -13.33
CA VAL B 119 9.48 -1.88 -13.41
C VAL B 119 8.15 -2.55 -13.73
N GLN B 120 7.48 -3.04 -12.70
CA GLN B 120 6.19 -3.71 -12.86
C GLN B 120 5.10 -2.67 -13.00
N PHE B 121 4.32 -2.79 -14.08
CA PHE B 121 3.23 -1.86 -14.35
C PHE B 121 1.90 -2.48 -14.01
N SER B 122 0.94 -1.63 -13.65
CA SER B 122 -0.40 -2.07 -13.30
C SER B 122 -1.06 -2.81 -14.45
N GLY B 123 -2.18 -3.44 -14.16
CA GLY B 123 -2.97 -4.10 -15.19
C GLY B 123 -3.63 -3.09 -16.10
N THR B 124 -3.86 -1.90 -15.57
CA THR B 124 -4.50 -0.84 -16.33
C THR B 124 -3.51 -0.14 -17.26
N PHE B 125 -2.22 -0.43 -17.10
CA PHE B 125 -1.18 0.16 -17.95
C PHE B 125 -1.19 -0.50 -19.33
N GLY B 126 -1.95 0.09 -20.24
CA GLY B 126 -2.16 -0.49 -21.56
C GLY B 126 -1.35 0.18 -22.64
N CYS B 127 -1.49 -0.34 -23.86
CA CYS B 127 -0.73 0.12 -25.00
C CYS B 127 -1.33 1.39 -25.59
N THR B 128 -0.87 2.54 -25.11
CA THR B 128 -1.35 3.83 -25.58
C THR B 128 -0.17 4.72 -25.93
N LYS B 129 -0.46 5.81 -26.64
CA LYS B 129 0.58 6.77 -27.01
C LYS B 129 1.29 7.31 -25.76
N GLU B 130 0.50 7.68 -24.76
CA GLU B 130 1.04 8.25 -23.51
C GLU B 130 2.00 7.29 -22.84
N ASN B 131 1.52 6.05 -22.64
CA ASN B 131 2.30 5.04 -21.93
C ASN B 131 3.60 4.68 -22.65
N VAL B 132 3.55 4.61 -23.97
CA VAL B 132 4.75 4.38 -24.76
C VAL B 132 5.76 5.50 -24.51
N ALA B 133 5.26 6.74 -24.47
CA ALA B 133 6.12 7.89 -24.20
C ALA B 133 6.69 7.78 -22.80
N TYR B 134 5.84 7.38 -21.84
CA TYR B 134 6.28 7.23 -20.47
C TYR B 134 7.37 6.17 -20.36
N LEU B 135 7.26 5.11 -21.16
CA LEU B 135 8.28 4.07 -21.17
C LEU B 135 9.59 4.65 -21.66
N GLN B 136 9.52 5.56 -22.64
CA GLN B 136 10.71 6.26 -23.13
C GLN B 136 11.26 7.20 -22.07
N LYS B 137 10.36 7.79 -21.30
CA LYS B 137 10.74 8.67 -20.21
C LYS B 137 11.57 7.89 -19.18
N ILE B 138 11.15 6.65 -18.90
CA ILE B 138 11.86 5.78 -17.96
C ILE B 138 13.23 5.41 -18.50
N ARG B 139 13.34 5.17 -19.80
CA ARG B 139 14.63 4.88 -20.42
C ARG B 139 15.59 6.02 -20.14
N HIS B 140 15.12 7.24 -20.37
CA HIS B 140 15.92 8.43 -20.12
C HIS B 140 16.25 8.59 -18.63
N TRP B 141 15.29 8.28 -17.75
CA TRP B 141 15.49 8.40 -16.31
C TRP B 141 16.55 7.46 -15.78
N PHE B 142 16.68 6.29 -16.41
CA PHE B 142 17.67 5.31 -15.97
C PHE B 142 18.83 5.17 -16.99
N LYS B 143 19.39 6.34 -17.37
CA LYS B 143 20.52 6.43 -18.31
C LYS B 143 20.91 5.07 -18.92
N ASP B 144 22.01 4.48 -18.44
CA ASP B 144 22.51 3.20 -18.97
C ASP B 144 22.46 2.11 -17.89
N LEU B 145 21.31 1.96 -17.26
CA LEU B 145 21.11 0.95 -16.25
C LEU B 145 20.28 -0.20 -16.83
N PRO B 146 20.42 -1.41 -16.26
CA PRO B 146 19.62 -2.56 -16.69
C PRO B 146 18.18 -2.46 -16.19
N ILE B 147 17.24 -2.24 -17.11
CA ILE B 147 15.83 -2.08 -16.75
C ILE B 147 15.00 -3.23 -17.30
N ALA B 148 14.22 -3.87 -16.43
CA ALA B 148 13.34 -4.94 -16.85
C ALA B 148 11.89 -4.48 -16.75
N ILE B 149 11.18 -4.51 -17.89
CA ILE B 149 9.78 -4.06 -17.94
C ILE B 149 8.85 -5.24 -17.86
N GLU B 150 7.99 -5.24 -16.83
CA GLU B 150 6.95 -6.26 -16.73
C GLU B 150 5.60 -5.68 -17.06
N LEU B 151 5.07 -6.05 -18.22
CA LEU B 151 3.74 -5.64 -18.61
C LEU B 151 2.73 -6.67 -18.14
N ARG B 152 1.61 -6.21 -17.61
CA ARG B 152 0.58 -7.09 -17.14
C ARG B 152 -0.73 -6.74 -17.80
N ASN B 153 -0.67 -6.52 -19.10
CA ASN B 153 -1.84 -6.14 -19.88
C ASN B 153 -1.69 -6.66 -21.31
N ASN B 154 -2.56 -7.60 -21.70
CA ASN B 154 -2.45 -8.26 -23.01
C ASN B 154 -2.65 -7.31 -24.21
N SER B 155 -2.99 -6.05 -23.94
CA SER B 155 -3.16 -5.05 -25.00
C SER B 155 -1.85 -4.85 -25.78
N TRP B 156 -0.73 -4.93 -25.08
CA TRP B 156 0.59 -4.80 -25.72
C TRP B 156 0.90 -6.03 -26.56
N TYR B 157 0.27 -7.17 -26.20
CA TYR B 157 0.52 -8.44 -26.87
C TYR B 157 -0.56 -8.77 -27.93
N GLN B 158 -1.29 -7.76 -28.40
CA GLN B 158 -2.26 -7.97 -29.48
C GLN B 158 -1.50 -7.99 -30.82
N PRO B 159 -1.98 -8.80 -31.78
CA PRO B 159 -1.34 -8.91 -33.10
C PRO B 159 -0.91 -7.58 -33.72
N ASN B 160 -1.74 -6.54 -33.55
CA ASN B 160 -1.48 -5.22 -34.17
C ASN B 160 -0.40 -4.37 -33.45
N PHE B 161 0.00 -4.81 -32.25
CA PHE B 161 1.02 -4.09 -31.47
C PHE B 161 2.27 -4.96 -31.19
N VAL B 162 2.04 -6.23 -30.84
CA VAL B 162 3.13 -7.16 -30.44
C VAL B 162 4.45 -6.88 -31.15
N LYS B 163 4.45 -7.01 -32.46
CA LYS B 163 5.68 -6.96 -33.23
C LYS B 163 6.38 -5.60 -33.09
N GLN B 164 5.58 -4.52 -33.09
CA GLN B 164 6.12 -3.16 -32.99
C GLN B 164 6.55 -2.85 -31.56
N MET B 165 5.85 -3.43 -30.59
CA MET B 165 6.19 -3.27 -29.18
C MET B 165 7.49 -3.97 -28.88
N LEU B 166 7.59 -5.24 -29.26
CA LEU B 166 8.82 -6.00 -29.07
C LEU B 166 9.99 -5.25 -29.66
N GLN B 167 9.80 -4.71 -30.86
CA GLN B 167 10.83 -3.90 -31.52
C GLN B 167 11.18 -2.68 -30.67
N PHE B 168 10.16 -2.00 -30.15
CA PHE B 168 10.36 -0.87 -29.25
C PHE B 168 11.26 -1.28 -28.10
N MET B 169 10.93 -2.41 -27.47
CA MET B 169 11.71 -2.92 -26.33
C MET B 169 13.16 -3.11 -26.71
N LYS B 170 13.39 -3.79 -27.84
CA LYS B 170 14.75 -4.06 -28.31
C LYS B 170 15.53 -2.75 -28.46
N GLU B 171 14.94 -1.79 -29.17
CA GLU B 171 15.60 -0.50 -29.42
C GLU B 171 16.04 0.19 -28.14
N ASN B 172 15.18 0.18 -27.13
CA ASN B 172 15.48 0.84 -25.87
C ASN B 172 16.23 -0.08 -24.88
N GLN B 173 16.81 -1.17 -25.40
CA GLN B 173 17.56 -2.13 -24.57
C GLN B 173 16.75 -2.64 -23.36
N PHE B 174 15.42 -2.52 -23.42
CA PHE B 174 14.57 -3.00 -22.34
C PHE B 174 14.49 -4.51 -22.35
N SER B 175 14.64 -5.12 -21.18
CA SER B 175 14.47 -6.55 -21.03
C SER B 175 13.01 -6.83 -20.63
N LEU B 176 12.19 -7.17 -21.62
CA LEU B 176 10.77 -7.45 -21.38
C LEU B 176 10.63 -8.73 -20.56
N VAL B 177 10.06 -8.62 -19.38
CA VAL B 177 9.93 -9.75 -18.49
C VAL B 177 9.03 -10.80 -19.11
N ILE B 178 9.46 -12.05 -19.09
CA ILE B 178 8.64 -13.16 -19.54
C ILE B 178 7.75 -13.57 -18.36
N VAL B 179 6.45 -13.42 -18.52
CA VAL B 179 5.52 -13.56 -17.41
C VAL B 179 4.67 -14.82 -17.51
N ASP B 180 4.58 -15.55 -16.41
CA ASP B 180 3.69 -16.70 -16.31
C ASP B 180 2.65 -16.45 -15.21
N GLU B 181 1.58 -15.76 -15.56
CA GLU B 181 0.54 -15.42 -14.61
C GLU B 181 -0.74 -16.19 -14.92
N PRO B 182 -1.67 -16.28 -13.92
CA PRO B 182 -2.94 -16.98 -14.13
C PRO B 182 -3.71 -16.40 -15.26
N GLN B 183 -4.16 -17.24 -16.19
CA GLN B 183 -4.89 -16.76 -17.36
C GLN B 183 -6.35 -16.52 -17.04
N ILE B 184 -6.59 -15.44 -16.30
CA ILE B 184 -7.92 -15.02 -15.90
C ILE B 184 -8.60 -14.34 -17.07
N PRO B 185 -9.95 -14.48 -17.17
CA PRO B 185 -10.69 -13.72 -18.18
C PRO B 185 -10.66 -12.21 -17.91
N THR B 186 -9.48 -11.60 -18.02
CA THR B 186 -9.32 -10.16 -17.93
C THR B 186 -8.35 -9.72 -19.02
N ASN B 187 -7.11 -9.41 -18.64
CA ASN B 187 -6.11 -9.01 -19.62
C ASN B 187 -4.72 -9.54 -19.29
N PRO B 188 -4.63 -10.80 -18.85
CA PRO B 188 -3.35 -11.33 -18.47
C PRO B 188 -2.47 -11.50 -19.67
N VAL B 189 -1.17 -11.25 -19.50
CA VAL B 189 -0.24 -11.45 -20.57
C VAL B 189 0.06 -12.93 -20.77
N PRO B 190 0.36 -13.33 -22.01
CA PRO B 190 0.69 -14.71 -22.29
C PRO B 190 2.12 -15.05 -21.89
N PHE B 191 2.39 -16.33 -21.65
CA PHE B 191 3.75 -16.79 -21.44
C PHE B 191 4.44 -16.75 -22.80
N TYR B 192 5.18 -15.67 -23.03
CA TYR B 192 5.77 -15.40 -24.34
C TYR B 192 7.30 -15.34 -24.25
N PRO B 193 7.96 -16.52 -24.25
CA PRO B 193 9.43 -16.56 -24.26
C PRO B 193 10.04 -15.83 -25.46
N TYR B 194 10.73 -14.74 -25.19
CA TYR B 194 11.28 -13.89 -26.24
C TYR B 194 12.32 -12.97 -25.64
N VAL B 195 13.51 -12.93 -26.26
CA VAL B 195 14.60 -12.11 -25.76
C VAL B 195 14.63 -10.74 -26.46
N THR B 196 14.22 -9.70 -25.73
CA THR B 196 14.24 -8.33 -26.24
C THR B 196 15.62 -7.72 -26.04
N ASN B 197 16.26 -8.10 -24.95
CA ASN B 197 17.63 -7.68 -24.68
C ASN B 197 18.50 -8.90 -24.46
N PRO B 198 19.43 -9.17 -25.41
CA PRO B 198 20.27 -10.37 -25.34
C PRO B 198 21.25 -10.38 -24.17
N ASN B 199 21.52 -9.23 -23.59
CA ASN B 199 22.44 -9.14 -22.48
C ASN B 199 21.84 -9.62 -21.15
N LEU B 200 20.50 -9.61 -21.05
CA LEU B 200 19.82 -10.18 -19.86
C LEU B 200 18.31 -10.40 -20.09
N VAL B 201 17.84 -11.55 -19.63
CA VAL B 201 16.44 -11.92 -19.72
C VAL B 201 15.94 -12.12 -18.30
N LEU B 202 14.64 -11.95 -18.10
CA LEU B 202 14.06 -12.18 -16.78
C LEU B 202 12.72 -12.90 -16.85
N PHE B 203 12.67 -14.07 -16.23
CA PHE B 203 11.42 -14.82 -16.07
C PHE B 203 10.79 -14.47 -14.73
N ARG B 204 9.47 -14.48 -14.68
CA ARG B 204 8.74 -14.31 -13.43
C ARG B 204 7.51 -15.18 -13.45
N PHE B 205 7.50 -16.19 -12.59
CA PHE B 205 6.38 -17.11 -12.50
C PHE B 205 5.48 -16.74 -11.32
N HIS B 206 4.21 -16.43 -11.60
CA HIS B 206 3.24 -16.03 -10.57
C HIS B 206 2.22 -17.17 -10.26
N GLY B 207 2.48 -18.36 -10.77
CA GLY B 207 1.53 -19.46 -10.63
C GLY B 207 0.43 -19.35 -11.68
N ARG B 208 -0.38 -20.40 -11.78
CA ARG B 208 -1.49 -20.43 -12.74
C ARG B 208 -2.81 -20.80 -12.06
N ASN B 209 -3.14 -20.08 -10.98
CA ASN B 209 -4.33 -20.37 -10.21
C ASN B 209 -5.60 -19.80 -10.87
N ALA B 210 -5.77 -20.07 -12.16
CA ALA B 210 -6.93 -19.60 -12.90
C ALA B 210 -8.18 -20.05 -12.18
N ALA B 211 -8.25 -21.34 -11.88
CA ALA B 211 -9.28 -21.87 -11.02
C ALA B 211 -9.01 -21.34 -9.61
N GLY B 212 -10.00 -20.70 -9.02
CA GLY B 212 -9.82 -20.04 -7.73
C GLY B 212 -10.06 -18.56 -7.84
N TRP B 213 -10.03 -18.05 -9.08
CA TRP B 213 -10.40 -16.68 -9.34
C TRP B 213 -11.92 -16.52 -9.40
N LEU B 214 -12.43 -15.50 -8.71
CA LEU B 214 -13.82 -15.09 -8.85
C LEU B 214 -13.83 -13.61 -9.15
N ALA B 215 -14.87 -13.16 -9.83
CA ALA B 215 -15.02 -11.73 -10.14
C ALA B 215 -15.34 -10.98 -8.85
N ASN B 216 -14.76 -9.80 -8.70
CA ASN B 216 -15.00 -8.97 -7.53
C ASN B 216 -14.58 -9.64 -6.22
N ASP B 217 -13.61 -10.56 -6.30
CA ASP B 217 -13.12 -11.23 -5.12
C ASP B 217 -11.89 -10.52 -4.58
N ALA B 218 -11.97 -10.06 -3.34
CA ALA B 218 -10.87 -9.34 -2.71
C ALA B 218 -9.75 -10.30 -2.32
N GLU B 219 -10.10 -11.55 -2.04
CA GLU B 219 -9.12 -12.56 -1.62
C GLU B 219 -8.21 -12.98 -2.79
N TRP B 220 -8.53 -12.53 -3.99
CA TRP B 220 -7.68 -12.77 -5.14
C TRP B 220 -6.26 -12.21 -4.89
N ARG B 221 -6.16 -11.23 -3.98
CA ARG B 221 -4.85 -10.70 -3.56
C ARG B 221 -3.94 -11.85 -3.13
N LYS B 222 -4.50 -12.80 -2.36
CA LYS B 222 -3.71 -13.94 -1.82
C LYS B 222 -3.69 -15.10 -2.81
N LYS B 223 -4.82 -15.34 -3.47
CA LYS B 223 -4.96 -16.47 -4.40
C LYS B 223 -4.14 -16.32 -5.69
N ARG B 224 -3.94 -15.09 -6.14
CA ARG B 224 -3.32 -14.83 -7.47
C ARG B 224 -1.88 -15.37 -7.60
N THR B 225 -1.21 -15.62 -6.47
CA THR B 225 0.13 -16.26 -6.46
C THR B 225 0.15 -17.50 -5.55
N LEU B 226 -1.00 -18.17 -5.43
CA LEU B 226 -1.11 -19.42 -4.67
C LEU B 226 -1.09 -20.58 -5.64
N TYR B 227 0.07 -21.19 -5.83
CA TYR B 227 0.22 -22.25 -6.79
C TYR B 227 1.45 -23.10 -6.51
N HIS B 228 1.32 -24.40 -6.73
CA HIS B 228 2.44 -25.33 -6.63
C HIS B 228 2.65 -25.99 -7.99
N TYR B 229 3.57 -25.43 -8.78
CA TYR B 229 3.88 -25.99 -10.09
C TYR B 229 4.19 -27.46 -9.96
N ASN B 230 3.42 -28.28 -10.66
CA ASN B 230 3.63 -29.71 -10.63
C ASN B 230 4.88 -30.09 -11.39
N THR B 231 5.28 -31.36 -11.26
CA THR B 231 6.51 -31.85 -11.86
C THR B 231 6.54 -31.66 -13.41
N GLN B 232 5.36 -31.74 -14.04
CA GLN B 232 5.24 -31.52 -15.49
C GLN B 232 5.48 -30.03 -15.84
N GLU B 233 4.77 -29.15 -15.16
CA GLU B 233 4.86 -27.72 -15.43
C GLU B 233 6.29 -27.21 -15.27
N ILE B 234 7.00 -27.72 -14.27
CA ILE B 234 8.39 -27.33 -14.05
C ILE B 234 9.25 -27.78 -15.22
N ALA B 235 8.98 -28.97 -15.74
CA ALA B 235 9.71 -29.48 -16.90
C ALA B 235 9.50 -28.55 -18.12
N ASP B 236 8.26 -28.10 -18.32
CA ASP B 236 7.94 -27.23 -19.45
C ASP B 236 8.55 -25.85 -19.28
N LEU B 237 8.43 -25.30 -18.08
CA LEU B 237 9.01 -24.00 -17.77
C LEU B 237 10.53 -24.04 -17.86
N SER B 238 11.12 -25.15 -17.44
CA SER B 238 12.57 -25.34 -17.52
C SER B 238 13.02 -25.29 -18.95
N GLU B 239 12.29 -25.99 -19.81
CA GLU B 239 12.62 -26.05 -21.24
C GLU B 239 12.63 -24.65 -21.88
N ALA B 240 11.73 -23.78 -21.40
CA ALA B 240 11.67 -22.40 -21.88
C ALA B 240 12.87 -21.61 -21.39
N VAL B 241 13.13 -21.69 -20.09
CA VAL B 241 14.29 -21.03 -19.49
C VAL B 241 15.58 -21.44 -20.20
N LEU B 242 15.68 -22.74 -20.51
CA LEU B 242 16.84 -23.27 -21.17
C LEU B 242 16.92 -22.72 -22.61
N LYS B 243 15.77 -22.64 -23.28
CA LYS B 243 15.71 -22.16 -24.68
C LYS B 243 16.13 -20.67 -24.80
N MET B 244 15.83 -19.87 -23.77
CA MET B 244 16.19 -18.44 -23.77
C MET B 244 17.65 -18.24 -23.39
N SER B 245 18.22 -19.21 -22.66
CA SER B 245 19.63 -19.13 -22.26
C SER B 245 20.55 -19.31 -23.47
N GLN B 246 20.04 -19.98 -24.52
CA GLN B 246 20.76 -20.10 -25.78
C GLN B 246 20.91 -18.73 -26.47
N GLU B 247 19.92 -17.85 -26.26
CA GLU B 247 19.85 -16.57 -26.98
C GLU B 247 20.26 -15.38 -26.10
N ALA B 248 20.55 -15.64 -24.83
CA ALA B 248 20.87 -14.55 -23.89
C ALA B 248 22.11 -14.87 -23.07
N LYS B 249 22.77 -13.82 -22.58
CA LYS B 249 23.92 -13.97 -21.67
C LYS B 249 23.42 -14.33 -20.29
N GLU B 250 22.90 -13.34 -19.57
CA GLU B 250 22.34 -13.55 -18.27
C GLU B 250 20.88 -13.96 -18.43
N VAL B 251 20.42 -14.87 -17.56
CA VAL B 251 19.00 -15.24 -17.51
C VAL B 251 18.56 -15.39 -16.06
N GLY B 252 17.69 -14.49 -15.63
CA GLY B 252 17.16 -14.53 -14.28
C GLY B 252 15.81 -15.20 -14.23
N VAL B 253 15.49 -15.79 -13.10
CA VAL B 253 14.21 -16.44 -12.90
C VAL B 253 13.74 -16.18 -11.47
N ILE B 254 12.52 -15.66 -11.34
CA ILE B 254 11.97 -15.37 -10.04
C ILE B 254 10.63 -16.08 -9.86
N PHE B 255 10.60 -17.06 -8.96
CA PHE B 255 9.38 -17.73 -8.59
C PHE B 255 8.64 -16.88 -7.59
N ASN B 256 7.44 -16.41 -7.95
CA ASN B 256 6.64 -15.54 -7.10
C ASN B 256 5.39 -16.23 -6.55
N ASN B 257 5.24 -17.52 -6.86
CA ASN B 257 4.07 -18.29 -6.41
C ASN B 257 4.21 -18.75 -4.95
N ASN B 258 4.16 -17.81 -4.02
CA ASN B 258 4.53 -18.11 -2.62
C ASN B 258 3.40 -17.94 -1.59
N SER B 259 2.17 -17.70 -2.05
CA SER B 259 1.03 -17.56 -1.12
C SER B 259 0.88 -18.80 -0.26
N GLY B 260 1.18 -19.97 -0.82
CA GLY B 260 1.12 -21.24 -0.08
C GLY B 260 2.48 -21.63 0.53
N GLY B 261 3.55 -21.01 0.02
CA GLY B 261 4.91 -21.29 0.49
C GLY B 261 5.67 -22.20 -0.48
N ASP B 262 5.16 -22.31 -1.71
CA ASP B 262 5.68 -23.29 -2.68
C ASP B 262 6.85 -22.75 -3.51
N ALA B 263 7.10 -21.45 -3.44
CA ALA B 263 8.09 -20.79 -4.29
C ALA B 263 9.47 -21.48 -4.21
N ALA B 264 9.98 -21.64 -2.99
CA ALA B 264 11.32 -22.18 -2.78
C ALA B 264 11.44 -23.61 -3.31
N GLU B 265 10.43 -24.43 -3.06
CA GLU B 265 10.45 -25.82 -3.50
C GLU B 265 10.47 -25.91 -5.04
N ASN B 266 9.53 -25.23 -5.70
CA ASN B 266 9.46 -25.24 -7.17
C ASN B 266 10.73 -24.71 -7.85
N ALA B 267 11.41 -23.78 -7.19
CA ALA B 267 12.65 -23.22 -7.73
C ALA B 267 13.80 -24.22 -7.68
N LEU B 268 13.90 -24.95 -6.57
CA LEU B 268 14.93 -25.96 -6.41
C LEU B 268 14.60 -27.20 -7.24
N GLN B 269 13.31 -27.41 -7.52
CA GLN B 269 12.88 -28.47 -8.43
C GLN B 269 13.40 -28.15 -9.84
N MET B 270 13.32 -26.88 -10.23
CA MET B 270 13.80 -26.42 -11.53
C MET B 270 15.32 -26.47 -11.59
N GLN B 271 15.96 -26.13 -10.47
CA GLN B 271 17.42 -26.19 -10.40
C GLN B 271 17.91 -27.60 -10.70
N LYS B 272 17.17 -28.60 -10.22
CA LYS B 272 17.50 -29.99 -10.46
C LYS B 272 17.26 -30.34 -11.94
N VAL B 273 16.12 -29.88 -12.48
CA VAL B 273 15.77 -30.15 -13.88
C VAL B 273 16.74 -29.44 -14.85
N LEU B 274 17.24 -28.28 -14.44
CA LEU B 274 18.24 -27.56 -15.24
C LEU B 274 19.66 -27.99 -14.87
N ASN B 275 19.78 -28.76 -13.79
CA ASN B 275 21.08 -29.27 -13.32
C ASN B 275 22.10 -28.13 -13.16
N LEU B 276 21.97 -27.38 -12.07
CA LEU B 276 22.79 -26.19 -11.86
C LEU B 276 23.53 -26.24 -10.51
N SER B 277 24.70 -25.59 -10.44
CA SER B 277 25.58 -25.67 -9.25
C SER B 277 25.47 -24.40 -8.34
N TYR B 278 26.51 -24.14 -7.53
CA TYR B 278 26.49 -23.02 -6.60
C TYR B 278 27.90 -22.61 -6.10
N ASP B 279 28.11 -21.30 -5.98
CA ASP B 279 29.33 -20.74 -5.40
C ASP B 279 28.92 -19.57 -4.48
N ASP B 280 28.08 -19.89 -3.50
CA ASP B 280 27.42 -18.90 -2.66
C ASP B 280 28.22 -18.68 -1.39
N LEU B 281 27.52 -18.23 -0.33
CA LEU B 281 28.09 -18.16 1.00
C LEU B 281 28.01 -19.54 1.62
N ASN B 282 28.46 -19.66 2.87
CA ASN B 282 28.55 -20.96 3.53
C ASN B 282 27.94 -20.94 4.92
N PRO B 283 27.58 -22.14 5.45
CA PRO B 283 26.86 -22.25 6.75
C PRO B 283 27.78 -22.35 8.00
N LYS B 284 27.16 -22.21 9.18
CA LYS B 284 27.88 -22.27 10.48
C LYS B 284 26.81 -22.31 11.60
N GLN B 285 27.24 -22.46 12.87
CA GLN B 285 26.27 -22.52 14.00
C GLN B 285 26.91 -22.18 15.37
N LEU B 286 26.38 -21.15 16.06
CA LEU B 286 26.96 -20.69 17.36
C LEU B 286 25.89 -20.19 18.36
N ASP B 287 25.29 -19.05 18.06
CA ASP B 287 24.34 -18.42 18.96
C ASP B 287 23.05 -19.24 19.06
#